data_6X8I
#
_entry.id   6X8I
#
_cell.length_a   68.652
_cell.length_b   85.007
_cell.length_c   97.145
_cell.angle_alpha   90.000
_cell.angle_beta   90.000
_cell.angle_gamma   90.000
#
_symmetry.space_group_name_H-M   'P 21 21 21'
#
loop_
_entity.id
_entity.type
_entity.pdbx_description
1 polymer Caspase-3
2 polymer Caspase-3
3 polymer 'ketomethylene inhibitor'
4 water water
#
loop_
_entity_poly.entity_id
_entity_poly.type
_entity_poly.pdbx_seq_one_letter_code
_entity_poly.pdbx_strand_id
1 'polypeptide(L)'
;MENTENSVDSKSIKNLEPKIIHGSESMDSGISLDNSYKMDYPEMGLCIIINNKNFHKSTGMTSRSGTDVDAANLRETFRN
LKYEVRNKNDLTREEIVELMRDVSKEDHSKRSSFVCVLLSHGEEGIIFGTNGPVDLKKITNFFRGDRCRSLTGKPKLFII
QACRGTELDCGIETD
;
A,B
2 'polypeptide(L)'
;SGVDDDMACHKIPVEADFLYAYSTAPGYYSWRNSKDGSWFIQSLCAMLKQYADKLEFMHILTRVNRKVATEFESFSFDAT
FHAKKQIPCIVSMLTKELYFYHLEHHHHHH
;
C,D
3 'polypeptide(L)' (ACE)DEV(Y2Y) E,F
#
# COMPACT_ATOMS: atom_id res chain seq x y z
N ASP A 34 16.89 16.36 2.54
CA ASP A 34 15.88 16.11 1.51
C ASP A 34 15.07 14.85 1.83
N ASN A 35 14.95 14.55 3.11
CA ASN A 35 14.24 13.36 3.56
C ASN A 35 12.76 13.62 3.84
N SER A 36 12.36 14.89 3.94
CA SER A 36 10.97 15.27 4.26
CA SER A 36 10.96 15.25 4.24
C SER A 36 10.44 16.24 3.21
N TYR A 37 9.17 16.09 2.86
CA TYR A 37 8.57 17.03 1.91
C TYR A 37 8.56 18.43 2.50
N LYS A 38 8.77 19.42 1.63
CA LYS A 38 8.67 20.83 1.98
C LYS A 38 7.20 21.19 2.22
N MET A 39 6.86 21.55 3.45
CA MET A 39 5.49 21.87 3.80
C MET A 39 5.36 23.31 4.27
N ASP A 40 6.29 24.15 3.86
CA ASP A 40 6.24 25.57 4.24
C ASP A 40 6.00 26.49 3.06
N TYR A 41 5.40 26.00 1.96
CA TYR A 41 4.76 26.86 1.00
C TYR A 41 3.73 27.74 1.71
N PRO A 42 3.30 28.84 1.07
CA PRO A 42 2.34 29.76 1.69
C PRO A 42 1.04 29.08 2.13
N GLU A 43 0.63 28.00 1.45
CA GLU A 43 -0.62 27.31 1.78
C GLU A 43 -0.31 25.82 1.94
N MET A 44 -0.95 25.16 2.91
CA MET A 44 -0.83 23.70 3.02
C MET A 44 -1.40 23.02 1.78
N GLY A 45 -2.51 23.55 1.23
CA GLY A 45 -3.14 23.01 0.05
C GLY A 45 -4.63 22.79 0.23
N LEU A 46 -5.23 22.27 -0.82
CA LEU A 46 -6.66 21.97 -0.80
C LEU A 46 -6.91 20.62 -0.15
N CYS A 47 -8.06 20.49 0.50
CA CYS A 47 -8.61 19.21 0.95
C CYS A 47 -10.03 19.15 0.41
N ILE A 48 -10.20 18.36 -0.62
CA ILE A 48 -11.49 18.17 -1.25
C ILE A 48 -12.15 16.96 -0.63
N ILE A 49 -13.37 17.11 -0.13
CA ILE A 49 -14.09 16.02 0.51
C ILE A 49 -15.33 15.76 -0.33
N ILE A 50 -15.44 14.58 -0.93
CA ILE A 50 -16.65 14.19 -1.67
C ILE A 50 -17.44 13.25 -0.79
N ASN A 51 -18.64 13.66 -0.40
CA ASN A 51 -19.45 12.95 0.58
C ASN A 51 -20.72 12.46 -0.12
N ASN A 52 -20.77 11.18 -0.46
CA ASN A 52 -21.94 10.63 -1.18
C ASN A 52 -22.77 9.85 -0.20
N LYS A 53 -23.99 10.33 0.07
CA LYS A 53 -24.87 9.69 1.03
C LYS A 53 -26.07 9.03 0.37
N ASN A 54 -26.64 9.69 -0.61
CA ASN A 54 -27.90 9.29 -1.23
C ASN A 54 -27.64 8.84 -2.64
N PHE A 55 -27.98 7.59 -2.94
CA PHE A 55 -27.71 7.00 -4.24
C PHE A 55 -29.03 6.75 -4.96
N HIS A 56 -28.98 6.94 -6.27
CA HIS A 56 -30.18 6.66 -7.06
C HIS A 56 -30.61 5.24 -6.83
N LYS A 57 -31.92 5.05 -6.73
CA LYS A 57 -32.29 3.76 -6.23
C LYS A 57 -32.08 2.71 -7.35
N SER A 58 -32.02 3.13 -8.63
CA SER A 58 -31.69 2.15 -9.67
C SER A 58 -30.26 1.62 -9.63
N THR A 59 -29.37 2.18 -8.80
CA THR A 59 -28.07 1.54 -8.62
C THR A 59 -28.10 0.33 -7.70
N GLY A 60 -29.16 0.15 -6.93
CA GLY A 60 -29.16 -0.90 -5.95
C GLY A 60 -28.36 -0.60 -4.71
N MET A 61 -27.80 0.61 -4.57
CA MET A 61 -26.98 0.95 -3.41
C MET A 61 -27.79 1.60 -2.29
N THR A 62 -27.38 1.33 -1.07
CA THR A 62 -28.05 1.82 0.15
C THR A 62 -27.62 3.23 0.50
N SER A 63 -28.47 3.93 1.23
CA SER A 63 -28.10 5.23 1.79
CA SER A 63 -28.07 5.23 1.77
C SER A 63 -26.97 5.04 2.80
N ARG A 64 -26.02 5.99 2.81
CA ARG A 64 -24.84 5.83 3.69
C ARG A 64 -24.98 6.60 5.01
N SER A 65 -25.94 6.16 5.84
CA SER A 65 -26.19 6.77 7.12
C SER A 65 -24.90 6.87 7.93
N GLY A 66 -24.64 8.05 8.47
CA GLY A 66 -23.45 8.27 9.25
C GLY A 66 -22.35 8.99 8.50
N THR A 67 -22.47 9.07 7.19
CA THR A 67 -21.40 9.72 6.43
C THR A 67 -21.35 11.21 6.68
N ASP A 68 -22.45 11.86 7.09
CA ASP A 68 -22.30 13.29 7.35
C ASP A 68 -21.47 13.53 8.60
N VAL A 69 -21.51 12.60 9.56
CA VAL A 69 -20.63 12.69 10.72
C VAL A 69 -19.18 12.68 10.29
N ASP A 70 -18.84 11.77 9.35
CA ASP A 70 -17.47 11.72 8.86
C ASP A 70 -17.09 13.02 8.18
N ALA A 71 -17.97 13.52 7.29
CA ALA A 71 -17.63 14.69 6.51
C ALA A 71 -17.38 15.89 7.39
N ALA A 72 -18.19 16.06 8.45
CA ALA A 72 -17.99 17.18 9.38
C ALA A 72 -16.71 17.01 10.19
N ASN A 73 -16.44 15.77 10.65
CA ASN A 73 -15.20 15.47 11.39
C ASN A 73 -13.98 15.78 10.53
N LEU A 74 -13.98 15.31 9.27
CA LEU A 74 -12.87 15.60 8.35
C LEU A 74 -12.70 17.10 8.13
N ARG A 75 -13.83 17.84 7.95
CA ARG A 75 -13.71 19.27 7.69
C ARG A 75 -13.02 19.97 8.87
N GLU A 76 -13.38 19.59 10.09
CA GLU A 76 -12.77 20.21 11.26
C GLU A 76 -11.30 19.80 11.41
N THR A 77 -11.02 18.51 11.19
CA THR A 77 -9.65 18.01 11.35
C THR A 77 -8.72 18.68 10.35
N PHE A 78 -9.11 18.77 9.09
CA PHE A 78 -8.27 19.40 8.09
C PHE A 78 -8.25 20.94 8.21
N ARG A 79 -9.33 21.57 8.71
CA ARG A 79 -9.24 23.01 9.02
C ARG A 79 -8.14 23.28 10.07
N ASN A 80 -8.05 22.39 11.07
CA ASN A 80 -7.04 22.57 12.10
C ASN A 80 -5.63 22.29 11.60
N LEU A 81 -5.47 21.54 10.51
CA LEU A 81 -4.17 21.38 9.85
C LEU A 81 -3.87 22.47 8.81
N LYS A 82 -4.77 23.47 8.67
CA LYS A 82 -4.59 24.63 7.81
C LYS A 82 -4.78 24.34 6.33
N TYR A 83 -5.61 23.34 6.03
CA TYR A 83 -6.01 23.05 4.65
C TYR A 83 -7.24 23.87 4.30
N GLU A 84 -7.31 24.22 3.02
CA GLU A 84 -8.47 24.93 2.42
C GLU A 84 -9.43 23.80 2.08
N VAL A 85 -10.47 23.62 2.88
CA VAL A 85 -11.37 22.47 2.77
C VAL A 85 -12.55 22.86 1.87
N ARG A 86 -12.87 22.00 0.91
CA ARG A 86 -14.09 22.13 0.12
C ARG A 86 -14.89 20.85 0.27
N ASN A 87 -16.10 20.94 0.80
CA ASN A 87 -16.98 19.78 0.94
C ASN A 87 -17.97 19.78 -0.23
N LYS A 88 -18.12 18.67 -0.93
CA LYS A 88 -19.16 18.50 -1.93
C LYS A 88 -19.99 17.27 -1.59
N ASN A 89 -21.32 17.33 -1.77
CA ASN A 89 -22.20 16.24 -1.37
C ASN A 89 -22.96 15.70 -2.58
N ASP A 90 -23.14 14.38 -2.61
CA ASP A 90 -24.03 13.68 -3.55
C ASP A 90 -23.76 14.02 -5.01
N LEU A 91 -22.54 13.72 -5.43
CA LEU A 91 -22.09 13.97 -6.79
C LEU A 91 -22.30 12.75 -7.66
N THR A 92 -22.80 12.98 -8.88
CA THR A 92 -22.85 11.91 -9.84
C THR A 92 -21.43 11.57 -10.29
N ARG A 93 -21.31 10.46 -11.01
CA ARG A 93 -19.99 10.07 -11.50
C ARG A 93 -19.44 11.15 -12.44
N GLU A 94 -20.30 11.77 -13.26
CA GLU A 94 -19.79 12.81 -14.16
C GLU A 94 -19.34 14.04 -13.36
N GLU A 95 -20.07 14.39 -12.29
CA GLU A 95 -19.69 15.50 -11.43
C GLU A 95 -18.38 15.24 -10.71
N ILE A 96 -18.14 13.99 -10.30
CA ILE A 96 -16.87 13.69 -9.63
C ILE A 96 -15.70 13.91 -10.58
N VAL A 97 -15.83 13.39 -11.83
CA VAL A 97 -14.77 13.51 -12.81
C VAL A 97 -14.52 14.98 -13.17
N GLU A 98 -15.62 15.75 -13.35
CA GLU A 98 -15.48 17.18 -13.68
C GLU A 98 -14.80 17.93 -12.57
N LEU A 99 -15.21 17.66 -11.32
CA LEU A 99 -14.62 18.35 -10.18
C LEU A 99 -13.12 18.07 -10.12
N MET A 100 -12.75 16.80 -10.25
CA MET A 100 -11.34 16.46 -10.15
C MET A 100 -10.53 17.01 -11.30
N ARG A 101 -11.08 16.97 -12.53
CA ARG A 101 -10.40 17.63 -13.64
C ARG A 101 -10.18 19.10 -13.35
N ASP A 102 -11.23 19.82 -12.95
CA ASP A 102 -11.07 21.26 -12.69
C ASP A 102 -10.07 21.51 -11.57
N VAL A 103 -10.10 20.69 -10.50
CA VAL A 103 -9.13 20.96 -9.42
C VAL A 103 -7.71 20.74 -9.91
N SER A 104 -7.50 19.73 -10.76
CA SER A 104 -6.15 19.46 -11.23
C SER A 104 -5.68 20.52 -12.21
N LYS A 105 -6.61 21.36 -12.69
CA LYS A 105 -6.24 22.44 -13.61
C LYS A 105 -5.97 23.74 -12.87
N GLU A 106 -6.16 23.77 -11.56
CA GLU A 106 -5.85 24.96 -10.78
C GLU A 106 -4.34 25.10 -10.66
N ASP A 107 -3.88 26.31 -10.34
CA ASP A 107 -2.47 26.55 -10.10
C ASP A 107 -2.20 26.25 -8.64
N HIS A 108 -1.51 25.12 -8.39
CA HIS A 108 -1.14 24.73 -7.04
C HIS A 108 0.27 25.17 -6.66
N SER A 109 0.86 26.13 -7.39
CA SER A 109 2.27 26.44 -7.19
CA SER A 109 2.26 26.49 -7.19
C SER A 109 2.54 26.93 -5.77
N LYS A 110 1.58 27.63 -5.11
CA LYS A 110 1.81 28.11 -3.75
C LYS A 110 1.32 27.14 -2.68
N ARG A 111 0.99 25.89 -3.04
CA ARG A 111 0.46 24.94 -2.08
C ARG A 111 1.44 23.81 -1.84
N SER A 112 1.52 23.33 -0.60
CA SER A 112 2.51 22.29 -0.29
C SER A 112 2.08 20.89 -0.75
N SER A 113 0.78 20.65 -0.84
CA SER A 113 0.29 19.27 -0.93
C SER A 113 -1.12 19.32 -1.46
N PHE A 114 -1.72 18.16 -1.67
CA PHE A 114 -3.10 18.07 -2.10
C PHE A 114 -3.74 16.88 -1.38
N VAL A 115 -4.97 17.03 -0.90
CA VAL A 115 -5.66 15.94 -0.20
C VAL A 115 -7.05 15.83 -0.82
N CYS A 116 -7.45 14.58 -1.11
CA CYS A 116 -8.79 14.30 -1.55
C CYS A 116 -9.33 13.16 -0.72
N VAL A 117 -10.53 13.33 -0.15
CA VAL A 117 -11.19 12.31 0.66
C VAL A 117 -12.43 11.91 -0.09
N LEU A 118 -12.59 10.62 -0.32
CA LEU A 118 -13.76 10.09 -1.02
C LEU A 118 -14.54 9.25 -0.04
N LEU A 119 -15.81 9.58 0.18
CA LEU A 119 -16.69 8.85 1.08
C LEU A 119 -17.85 8.29 0.26
N SER A 120 -17.84 7.01 -0.07
CA SER A 120 -18.91 6.54 -0.96
C SER A 120 -19.00 5.02 -0.85
N HIS A 121 -19.87 4.45 -1.70
CA HIS A 121 -19.73 3.02 -1.92
C HIS A 121 -18.60 2.74 -2.89
N GLY A 122 -18.19 1.48 -2.93
CA GLY A 122 -17.14 1.13 -3.87
C GLY A 122 -17.09 -0.37 -4.09
N GLU A 123 -16.22 -0.77 -5.01
CA GLU A 123 -15.74 -2.13 -5.09
C GLU A 123 -14.27 -2.02 -5.46
N GLU A 124 -13.58 -3.16 -5.69
CA GLU A 124 -12.13 -3.05 -5.94
C GLU A 124 -11.84 -2.15 -7.13
N GLY A 125 -11.06 -1.08 -6.91
CA GLY A 125 -10.71 -0.17 -7.97
C GLY A 125 -11.71 0.88 -8.35
N ILE A 126 -12.87 0.94 -7.68
CA ILE A 126 -14.03 1.69 -8.13
C ILE A 126 -14.58 2.47 -6.95
N ILE A 127 -15.04 3.70 -7.22
CA ILE A 127 -15.81 4.48 -6.26
C ILE A 127 -17.13 4.83 -6.95
N PHE A 128 -18.20 4.94 -6.16
CA PHE A 128 -19.51 5.24 -6.76
C PHE A 128 -19.85 6.72 -6.76
N GLY A 129 -20.23 7.23 -7.93
CA GLY A 129 -21.11 8.37 -7.95
C GLY A 129 -22.51 7.97 -7.48
N THR A 130 -23.36 8.99 -7.30
CA THR A 130 -24.72 8.68 -6.87
C THR A 130 -25.45 7.86 -7.93
N ASN A 131 -24.99 7.91 -9.19
CA ASN A 131 -25.64 7.23 -10.31
C ASN A 131 -24.83 6.09 -10.90
N GLY A 132 -23.74 5.66 -10.27
CA GLY A 132 -23.00 4.55 -10.84
C GLY A 132 -21.51 4.64 -10.62
N PRO A 133 -20.79 3.60 -11.03
CA PRO A 133 -19.36 3.45 -10.68
C PRO A 133 -18.44 4.26 -11.56
N VAL A 134 -17.31 4.69 -10.98
CA VAL A 134 -16.20 5.32 -11.70
C VAL A 134 -14.91 4.67 -11.27
N ASP A 135 -13.98 4.46 -12.20
CA ASP A 135 -12.69 3.89 -11.82
C ASP A 135 -11.89 4.90 -11.00
N LEU A 136 -11.35 4.45 -9.86
CA LEU A 136 -10.45 5.32 -9.09
C LEU A 136 -9.27 5.81 -9.90
N LYS A 137 -8.71 4.98 -10.79
CA LYS A 137 -7.59 5.43 -11.59
C LYS A 137 -7.93 6.64 -12.45
N LYS A 138 -9.16 6.74 -12.95
CA LYS A 138 -9.52 7.93 -13.72
C LYS A 138 -9.40 9.21 -12.90
N ILE A 139 -9.82 9.15 -11.63
CA ILE A 139 -9.74 10.30 -10.74
C ILE A 139 -8.29 10.64 -10.43
N THR A 140 -7.49 9.64 -9.99
CA THR A 140 -6.15 9.95 -9.56
C THR A 140 -5.24 10.31 -10.73
N ASN A 141 -5.55 9.84 -11.97
CA ASN A 141 -4.70 10.14 -13.12
C ASN A 141 -4.61 11.62 -13.39
N PHE A 142 -5.62 12.40 -13.02
CA PHE A 142 -5.57 13.84 -13.27
C PHE A 142 -4.39 14.49 -12.53
N PHE A 143 -3.90 13.85 -11.47
CA PHE A 143 -2.87 14.43 -10.62
C PHE A 143 -1.48 13.83 -10.85
N ARG A 144 -1.33 12.97 -11.87
CA ARG A 144 -0.03 12.40 -12.21
C ARG A 144 1.02 13.50 -12.37
N GLY A 145 2.28 13.16 -12.12
CA GLY A 145 3.34 14.15 -12.20
C GLY A 145 3.46 14.86 -13.53
N ASP A 146 3.05 14.22 -14.61
CA ASP A 146 3.13 14.84 -15.92
C ASP A 146 1.86 15.59 -16.30
N ARG A 147 0.76 15.43 -15.57
CA ARG A 147 -0.53 16.02 -15.92
C ARG A 147 -0.96 17.15 -15.01
N CYS A 148 -0.39 17.25 -13.81
CA CYS A 148 -0.69 18.36 -12.89
C CYS A 148 0.66 18.91 -12.45
N ARG A 149 1.26 19.79 -13.27
CA ARG A 149 2.66 20.13 -13.07
C ARG A 149 2.92 20.93 -11.80
N SER A 150 1.92 21.69 -11.33
CA SER A 150 2.14 22.47 -10.14
C SER A 150 2.03 21.63 -8.87
N LEU A 151 1.73 20.33 -8.99
CA LEU A 151 1.86 19.41 -7.87
C LEU A 151 3.01 18.41 -8.05
N THR A 152 3.77 18.49 -9.13
CA THR A 152 4.91 17.56 -9.30
C THR A 152 5.86 17.72 -8.12
N GLY A 153 6.27 16.59 -7.53
CA GLY A 153 7.17 16.59 -6.43
C GLY A 153 6.51 16.82 -5.08
N LYS A 154 5.17 17.03 -5.07
CA LYS A 154 4.49 17.30 -3.83
C LYS A 154 3.57 16.14 -3.47
N PRO A 155 3.29 15.92 -2.19
CA PRO A 155 2.50 14.75 -1.83
C PRO A 155 1.04 14.95 -2.17
N LYS A 156 0.47 13.91 -2.79
CA LYS A 156 -0.93 13.86 -3.23
C LYS A 156 -1.58 12.71 -2.48
N LEU A 157 -2.45 13.05 -1.54
CA LEU A 157 -3.03 12.11 -0.60
C LEU A 157 -4.47 11.85 -0.96
N PHE A 158 -4.81 10.59 -1.17
CA PHE A 158 -6.19 10.19 -1.41
C PHE A 158 -6.65 9.30 -0.27
N ILE A 159 -7.70 9.68 0.41
CA ILE A 159 -8.19 8.95 1.58
C ILE A 159 -9.54 8.38 1.16
N ILE A 160 -9.70 7.07 1.23
CA ILE A 160 -10.81 6.41 0.53
C ILE A 160 -11.60 5.56 1.51
N GLN A 161 -12.81 6.02 1.86
CA GLN A 161 -13.74 5.24 2.69
C GLN A 161 -14.78 4.69 1.72
N ALA A 162 -14.62 3.42 1.39
CA ALA A 162 -15.46 2.76 0.39
C ALA A 162 -15.15 1.28 0.45
N CYS A 163 -16.13 0.46 0.12
CA CYS A 163 -15.83 -0.95 0.08
C CYS A 163 -14.91 -1.27 -1.09
N ARG A 164 -14.23 -2.39 -0.97
CA ARG A 164 -13.32 -2.84 -2.03
C ARG A 164 -13.68 -4.24 -2.49
N GLY A 165 -14.95 -4.62 -2.33
CA GLY A 165 -15.42 -5.97 -2.59
C GLY A 165 -16.37 -6.34 -1.50
N THR A 166 -16.64 -7.63 -1.39
CA THR A 166 -17.72 -8.09 -0.51
C THR A 166 -17.25 -9.18 0.44
N GLU A 167 -15.93 -9.28 0.68
CA GLU A 167 -15.44 -10.24 1.64
C GLU A 167 -15.59 -9.65 3.05
N LEU A 168 -15.82 -10.54 4.01
CA LEU A 168 -15.88 -10.19 5.42
C LEU A 168 -14.70 -10.83 6.14
N ASP A 169 -14.12 -10.11 7.08
CA ASP A 169 -12.99 -10.59 7.88
C ASP A 169 -13.55 -11.11 9.22
N CYS A 170 -13.46 -12.43 9.41
CA CYS A 170 -14.03 -12.98 10.64
CA CYS A 170 -13.99 -13.05 10.62
C CYS A 170 -13.14 -12.76 11.85
N GLY A 171 -11.89 -12.34 11.65
CA GLY A 171 -11.04 -12.11 12.79
C GLY A 171 -10.52 -13.40 13.42
N ILE A 172 -9.57 -13.24 14.32
CA ILE A 172 -9.03 -14.35 15.10
C ILE A 172 -8.85 -13.85 16.52
N GLU A 173 -9.25 -14.70 17.47
CA GLU A 173 -9.20 -14.31 18.87
C GLU A 173 -7.75 -14.19 19.32
N THR A 174 -7.47 -13.23 20.18
CA THR A 174 -6.10 -13.00 20.62
C THR A 174 -5.92 -13.25 22.12
N HIS B 10 17.11 13.74 -12.99
CA HIS B 10 16.54 14.61 -13.98
C HIS B 10 15.05 14.36 -14.23
N LYS B 11 14.55 13.14 -14.00
CA LYS B 11 13.12 12.87 -14.06
C LYS B 11 12.69 12.13 -12.81
N ILE B 12 11.39 12.19 -12.55
CA ILE B 12 10.80 11.32 -11.54
C ILE B 12 9.65 10.57 -12.20
N PRO B 13 9.26 9.44 -11.64
CA PRO B 13 8.12 8.70 -12.18
C PRO B 13 6.83 9.51 -12.07
N VAL B 14 5.96 9.37 -13.06
CA VAL B 14 4.66 10.05 -13.01
C VAL B 14 3.76 9.55 -11.90
N GLU B 15 4.00 8.33 -11.43
CA GLU B 15 3.19 7.75 -10.38
C GLU B 15 3.77 8.00 -8.99
N ALA B 16 4.92 8.66 -8.86
CA ALA B 16 5.54 8.96 -7.55
C ALA B 16 4.75 10.05 -6.82
N ASP B 17 4.90 10.04 -5.48
CA ASP B 17 4.42 11.06 -4.56
C ASP B 17 2.90 10.98 -4.37
N PHE B 18 2.31 9.81 -4.60
CA PHE B 18 0.93 9.54 -4.22
C PHE B 18 0.90 8.66 -2.99
N LEU B 19 -0.10 8.91 -2.14
CA LEU B 19 -0.41 8.03 -1.00
C LEU B 19 -1.89 7.74 -1.07
N TYR B 20 -2.28 6.47 -1.04
CA TYR B 20 -3.69 6.06 -1.02
C TYR B 20 -3.93 5.43 0.33
N ALA B 21 -4.72 6.10 1.18
CA ALA B 21 -5.05 5.57 2.48
C ALA B 21 -6.43 4.94 2.38
N TYR B 22 -6.47 3.63 2.15
CA TYR B 22 -7.75 2.94 2.00
C TYR B 22 -8.28 2.48 3.35
N SER B 23 -9.60 2.55 3.51
CA SER B 23 -10.21 2.13 4.76
C SER B 23 -10.13 0.63 5.02
N THR B 24 -9.90 -0.18 3.99
CA THR B 24 -10.01 -1.63 4.15
C THR B 24 -9.07 -2.32 3.16
N ALA B 25 -8.82 -3.60 3.42
CA ALA B 25 -7.93 -4.41 2.56
C ALA B 25 -8.58 -4.70 1.21
N PRO B 26 -7.78 -4.98 0.17
CA PRO B 26 -8.36 -5.27 -1.14
C PRO B 26 -9.32 -6.46 -1.05
N GLY B 27 -10.46 -6.31 -1.72
CA GLY B 27 -11.46 -7.35 -1.76
C GLY B 27 -12.51 -7.29 -0.67
N TYR B 28 -12.33 -6.44 0.35
CA TYR B 28 -13.17 -6.52 1.54
C TYR B 28 -14.19 -5.39 1.60
N TYR B 29 -15.31 -5.68 2.30
CA TYR B 29 -16.18 -4.62 2.75
C TYR B 29 -15.43 -3.66 3.68
N SER B 30 -15.96 -2.46 3.80
CA SER B 30 -15.56 -1.49 4.80
C SER B 30 -16.79 -1.15 5.63
N TRP B 31 -16.61 -0.88 6.92
CA TRP B 31 -17.72 -0.71 7.86
C TRP B 31 -17.94 0.74 8.26
N ARG B 32 -19.22 1.06 8.42
CA ARG B 32 -19.63 2.41 8.74
C ARG B 32 -20.71 2.31 9.79
N ASN B 33 -20.62 3.13 10.82
CA ASN B 33 -21.66 3.15 11.85
C ASN B 33 -22.60 4.32 11.60
N SER B 34 -23.92 4.03 11.66
CA SER B 34 -24.89 5.07 11.31
C SER B 34 -24.96 6.23 12.27
N LYS B 35 -24.51 6.06 13.50
CA LYS B 35 -24.47 7.14 14.49
C LYS B 35 -23.11 7.81 14.56
N ASP B 36 -22.02 7.03 14.52
CA ASP B 36 -20.70 7.56 14.84
C ASP B 36 -19.84 7.82 13.60
N GLY B 37 -20.28 7.40 12.43
CA GLY B 37 -19.48 7.49 11.22
C GLY B 37 -18.71 6.22 10.92
N SER B 38 -17.89 6.31 9.86
CA SER B 38 -17.14 5.10 9.50
C SER B 38 -16.03 4.82 10.51
N TRP B 39 -15.70 3.53 10.67
CA TRP B 39 -14.68 3.17 11.65
C TRP B 39 -13.35 3.80 11.27
N PHE B 40 -13.03 3.78 9.97
CA PHE B 40 -11.76 4.33 9.51
C PHE B 40 -11.68 5.84 9.65
N ILE B 41 -12.71 6.56 9.22
CA ILE B 41 -12.62 8.01 9.35
C ILE B 41 -12.68 8.46 10.80
N GLN B 42 -13.50 7.81 11.65
CA GLN B 42 -13.46 8.09 13.10
C GLN B 42 -12.02 8.00 13.60
N SER B 43 -11.37 6.90 13.23
CA SER B 43 -10.02 6.65 13.76
C SER B 43 -8.98 7.58 13.15
N LEU B 44 -9.10 7.88 11.85
CA LEU B 44 -8.16 8.78 11.21
C LEU B 44 -8.23 10.16 11.82
N CYS B 45 -9.45 10.67 12.05
CA CYS B 45 -9.56 12.01 12.60
C CYS B 45 -9.05 12.05 14.02
N ALA B 46 -9.32 10.99 14.80
CA ALA B 46 -8.81 10.94 16.17
C ALA B 46 -7.28 10.94 16.18
N MET B 47 -6.67 10.15 15.30
CA MET B 47 -5.21 10.06 15.33
C MET B 47 -4.56 11.31 14.78
N LEU B 48 -5.17 11.97 13.78
CA LEU B 48 -4.64 13.25 13.34
C LEU B 48 -4.71 14.28 14.46
N LYS B 49 -5.86 14.36 15.13
CA LYS B 49 -6.00 15.33 16.23
C LYS B 49 -4.91 15.10 17.30
N GLN B 50 -4.62 13.84 17.64
CA GLN B 50 -3.70 13.52 18.74
C GLN B 50 -2.25 13.64 18.33
N TYR B 51 -1.92 13.33 17.06
CA TYR B 51 -0.52 13.09 16.69
C TYR B 51 0.01 13.92 15.51
N ALA B 52 -0.82 14.70 14.82
CA ALA B 52 -0.32 15.45 13.66
C ALA B 52 0.74 16.48 14.02
N ASP B 53 0.78 16.96 15.26
CA ASP B 53 1.85 17.89 15.58
C ASP B 53 3.15 17.18 15.96
N LYS B 54 3.22 15.85 15.85
CA LYS B 54 4.40 15.14 16.36
C LYS B 54 4.89 14.09 15.37
N LEU B 55 4.03 13.13 15.03
CA LEU B 55 4.44 11.96 14.26
C LEU B 55 4.37 12.13 12.75
N GLU B 56 5.24 11.40 12.06
CA GLU B 56 5.21 11.37 10.60
C GLU B 56 3.94 10.63 10.14
N PHE B 57 3.45 11.03 8.97
CA PHE B 57 2.13 10.58 8.53
C PHE B 57 2.01 9.06 8.43
N MET B 58 3.03 8.35 7.93
CA MET B 58 2.89 6.88 7.90
C MET B 58 2.75 6.29 9.28
N HIS B 59 3.42 6.88 10.27
CA HIS B 59 3.26 6.41 11.64
C HIS B 59 1.90 6.76 12.23
N ILE B 60 1.32 7.88 11.81
CA ILE B 60 -0.07 8.18 12.20
C ILE B 60 -1.04 7.15 11.59
N LEU B 61 -0.83 6.81 10.29
CA LEU B 61 -1.70 5.84 9.62
C LEU B 61 -1.54 4.44 10.20
N THR B 62 -0.33 4.09 10.70
CA THR B 62 -0.16 2.81 11.38
C THR B 62 -0.95 2.77 12.70
N ARG B 63 -1.00 3.88 13.41
CA ARG B 63 -1.87 3.98 14.61
C ARG B 63 -3.33 3.87 14.23
N VAL B 64 -3.72 4.42 13.07
CA VAL B 64 -5.09 4.22 12.59
C VAL B 64 -5.36 2.76 12.32
N ASN B 65 -4.41 2.07 11.64
CA ASN B 65 -4.60 0.64 11.42
C ASN B 65 -4.81 -0.10 12.74
N ARG B 66 -4.01 0.20 13.78
CA ARG B 66 -4.19 -0.53 15.04
C ARG B 66 -5.50 -0.17 15.69
N LYS B 67 -5.91 1.10 15.64
CA LYS B 67 -7.19 1.47 16.26
C LYS B 67 -8.38 0.75 15.59
N VAL B 68 -8.43 0.76 14.26
CA VAL B 68 -9.50 0.07 13.54
C VAL B 68 -9.47 -1.42 13.82
N ALA B 69 -8.27 -2.03 13.82
CA ALA B 69 -8.15 -3.47 14.00
C ALA B 69 -8.51 -3.93 15.39
N THR B 70 -8.22 -3.12 16.39
CA THR B 70 -8.40 -3.57 17.77
C THR B 70 -9.65 -3.06 18.46
N GLU B 71 -10.14 -1.88 18.16
CA GLU B 71 -11.20 -1.27 18.96
C GLU B 71 -12.57 -1.44 18.35
N PHE B 72 -12.67 -1.99 17.14
CA PHE B 72 -13.93 -2.11 16.44
C PHE B 72 -14.23 -3.55 16.09
N GLU B 73 -15.51 -3.92 16.24
CA GLU B 73 -16.00 -5.22 15.84
C GLU B 73 -17.47 -5.05 15.53
N SER B 74 -17.94 -5.63 14.43
CA SER B 74 -19.32 -5.34 14.06
C SER B 74 -20.31 -6.01 14.99
N PHE B 75 -21.45 -5.32 15.14
CA PHE B 75 -22.62 -5.86 15.85
C PHE B 75 -23.76 -5.88 14.84
N SER B 76 -24.32 -7.08 14.58
CA SER B 76 -25.44 -7.18 13.64
C SER B 76 -26.45 -8.21 14.13
N PHE B 77 -27.73 -7.91 13.87
CA PHE B 77 -28.73 -8.96 14.11
C PHE B 77 -28.64 -10.09 13.11
N ASP B 78 -27.99 -9.87 11.95
CA ASP B 78 -27.74 -10.91 10.97
C ASP B 78 -26.41 -11.56 11.32
N ALA B 79 -26.46 -12.85 11.65
CA ALA B 79 -25.26 -13.51 12.12
C ALA B 79 -24.17 -13.51 11.06
N THR B 80 -24.57 -13.46 9.79
CA THR B 80 -23.60 -13.48 8.70
C THR B 80 -22.73 -12.23 8.69
N PHE B 81 -23.23 -11.14 9.25
CA PHE B 81 -22.51 -9.87 9.30
C PHE B 81 -22.02 -9.53 10.69
N HIS B 82 -22.16 -10.43 11.63
CA HIS B 82 -21.89 -10.10 13.02
C HIS B 82 -20.46 -10.51 13.41
N ALA B 83 -19.89 -9.75 14.34
CA ALA B 83 -18.58 -10.02 14.92
C ALA B 83 -17.46 -9.98 13.87
N LYS B 84 -17.59 -9.07 12.94
CA LYS B 84 -16.58 -8.97 11.86
C LYS B 84 -15.63 -7.83 12.14
N LYS B 85 -14.48 -7.90 11.45
CA LYS B 85 -13.31 -7.06 11.77
C LYS B 85 -12.83 -6.37 10.50
N GLN B 86 -11.96 -5.37 10.67
CA GLN B 86 -11.46 -4.61 9.53
C GLN B 86 -10.02 -4.17 9.77
N ILE B 87 -9.22 -4.25 8.70
CA ILE B 87 -7.88 -3.65 8.70
C ILE B 87 -7.77 -2.68 7.53
N PRO B 88 -7.42 -1.43 7.75
CA PRO B 88 -7.17 -0.51 6.61
C PRO B 88 -5.88 -0.88 5.90
N CYS B 89 -5.65 -0.21 4.76
CA CYS B 89 -4.56 -0.56 3.85
C CYS B 89 -3.89 0.71 3.35
N ILE B 90 -2.65 0.93 3.79
CA ILE B 90 -1.87 2.11 3.42
C ILE B 90 -1.10 1.76 2.16
N VAL B 91 -1.29 2.49 1.09
CA VAL B 91 -0.55 2.25 -0.17
C VAL B 91 0.29 3.49 -0.43
N SER B 92 1.60 3.38 -0.23
CA SER B 92 2.46 4.57 -0.37
C SER B 92 3.42 4.45 -1.58
N MET B 93 3.31 5.46 -2.45
CA MET B 93 4.32 5.74 -3.47
C MET B 93 5.03 7.05 -3.12
N LEU B 94 5.01 7.41 -1.85
CA LEU B 94 5.70 8.63 -1.43
C LEU B 94 7.20 8.42 -1.48
N THR B 95 7.94 9.50 -1.68
CA THR B 95 9.40 9.41 -1.71
C THR B 95 10.06 10.14 -0.55
N LYS B 96 9.29 10.78 0.31
CA LYS B 96 9.82 11.51 1.45
C LYS B 96 8.87 11.33 2.64
N GLU B 97 9.37 11.68 3.84
CA GLU B 97 8.55 11.72 5.05
C GLU B 97 7.64 12.94 4.99
N LEU B 98 6.43 12.79 5.55
CA LEU B 98 5.43 13.85 5.51
C LEU B 98 5.07 14.24 6.96
N TYR B 99 5.40 15.49 7.34
CA TYR B 99 5.03 16.04 8.63
C TYR B 99 4.09 17.22 8.42
N PHE B 100 3.03 17.30 9.21
CA PHE B 100 2.07 18.39 9.07
C PHE B 100 2.41 19.62 9.90
N TYR B 101 3.58 19.68 10.48
CA TYR B 101 4.06 20.91 11.09
C TYR B 101 5.37 21.31 10.44
N HIS B 102 5.64 22.62 10.38
CA HIS B 102 6.90 23.06 9.76
C HIS B 102 8.00 23.27 10.80
N ASP C 34 3.15 -0.27 23.30
CA ASP C 34 2.27 -1.10 22.47
C ASP C 34 2.27 -0.61 21.02
N ASN C 35 3.22 0.27 20.71
CA ASN C 35 3.27 0.89 19.39
C ASN C 35 4.31 0.30 18.46
N SER C 36 5.14 -0.63 18.94
CA SER C 36 6.19 -1.26 18.14
CA SER C 36 6.16 -1.27 18.13
C SER C 36 6.11 -2.77 18.32
N TYR C 37 6.30 -3.52 17.24
CA TYR C 37 6.25 -4.97 17.36
C TYR C 37 7.42 -5.46 18.22
N LYS C 38 7.13 -6.47 19.03
CA LYS C 38 8.14 -7.14 19.86
C LYS C 38 9.10 -7.93 18.96
N MET C 39 10.38 -7.57 18.96
CA MET C 39 11.35 -8.16 18.06
C MET C 39 12.45 -8.83 18.86
N ASP C 40 12.18 -9.12 20.12
CA ASP C 40 13.17 -9.77 20.97
C ASP C 40 12.78 -11.19 21.37
N TYR C 41 11.99 -11.84 20.54
CA TYR C 41 11.87 -13.28 20.61
C TYR C 41 13.25 -13.91 20.39
N PRO C 42 13.40 -15.20 20.72
CA PRO C 42 14.73 -15.82 20.58
C PRO C 42 15.30 -15.75 19.17
N GLU C 43 14.44 -15.69 18.14
CA GLU C 43 14.87 -15.66 16.75
C GLU C 43 14.12 -14.53 16.04
N MET C 44 14.79 -13.88 15.09
CA MET C 44 14.08 -12.89 14.26
C MET C 44 13.00 -13.56 13.42
N GLY C 45 13.29 -14.74 12.85
CA GLY C 45 12.35 -15.47 12.03
C GLY C 45 12.98 -15.93 10.74
N LEU C 46 12.18 -16.59 9.92
CA LEU C 46 12.67 -17.07 8.64
C LEU C 46 12.63 -15.96 7.59
N CYS C 47 13.53 -16.07 6.62
CA CYS C 47 13.47 -15.25 5.41
C CYS C 47 13.55 -16.25 4.26
N ILE C 48 12.44 -16.49 3.62
CA ILE C 48 12.42 -17.41 2.48
C ILE C 48 12.63 -16.61 1.21
N ILE C 49 13.57 -17.02 0.36
CA ILE C 49 13.82 -16.32 -0.89
C ILE C 49 13.54 -17.30 -2.01
N ILE C 50 12.56 -16.99 -2.86
CA ILE C 50 12.23 -17.80 -4.04
C ILE C 50 12.80 -17.09 -5.24
N ASN C 51 13.79 -17.68 -5.90
CA ASN C 51 14.53 -17.03 -6.97
C ASN C 51 14.28 -17.78 -8.27
N ASN C 52 13.39 -17.28 -9.13
CA ASN C 52 13.03 -17.94 -10.39
C ASN C 52 13.72 -17.24 -11.54
N LYS C 53 14.65 -17.96 -12.21
CA LYS C 53 15.45 -17.40 -13.30
C LYS C 53 15.06 -17.95 -14.67
N ASN C 54 14.79 -19.26 -14.74
CA ASN C 54 14.60 -19.96 -15.99
C ASN C 54 13.17 -20.49 -16.06
N PHE C 55 12.49 -20.19 -17.16
CA PHE C 55 11.08 -20.47 -17.27
C PHE C 55 10.83 -21.42 -18.43
N HIS C 56 9.77 -22.22 -18.30
CA HIS C 56 9.46 -23.16 -19.37
C HIS C 56 9.03 -22.41 -20.63
N LYS C 57 9.30 -23.03 -21.79
CA LYS C 57 8.94 -22.39 -23.05
C LYS C 57 7.46 -22.08 -23.12
N SER C 58 6.62 -22.94 -22.55
CA SER C 58 5.17 -22.73 -22.59
C SER C 58 4.76 -21.40 -22.00
N THR C 59 5.56 -20.87 -21.05
CA THR C 59 5.17 -19.63 -20.39
C THR C 59 5.32 -18.43 -21.31
N GLY C 60 6.20 -18.51 -22.30
CA GLY C 60 6.51 -17.34 -23.08
C GLY C 60 7.34 -16.31 -22.35
N MET C 61 7.97 -16.68 -21.23
CA MET C 61 8.72 -15.72 -20.44
C MET C 61 10.22 -15.83 -20.64
N THR C 62 10.89 -14.70 -20.55
CA THR C 62 12.33 -14.60 -20.73
C THR C 62 13.10 -15.06 -19.48
N SER C 63 14.36 -15.44 -19.67
CA SER C 63 15.25 -15.73 -18.56
CA SER C 63 15.23 -15.73 -18.54
C SER C 63 15.53 -14.44 -17.78
N ARG C 64 15.61 -14.53 -16.46
CA ARG C 64 15.75 -13.32 -15.64
C ARG C 64 17.19 -13.05 -15.22
N SER C 65 18.06 -12.75 -16.24
CA SER C 65 19.46 -12.41 -15.99
C SER C 65 19.59 -11.33 -14.92
N GLY C 66 20.47 -11.55 -13.96
CA GLY C 66 20.70 -10.61 -12.89
C GLY C 66 20.00 -10.98 -11.59
N THR C 67 19.06 -11.91 -11.63
CA THR C 67 18.35 -12.28 -10.42
C THR C 67 19.23 -13.03 -9.42
N ASP C 68 20.28 -13.74 -9.85
CA ASP C 68 21.12 -14.34 -8.82
C ASP C 68 21.90 -13.30 -8.03
N VAL C 69 22.21 -12.14 -8.64
CA VAL C 69 22.82 -11.06 -7.88
C VAL C 69 21.86 -10.62 -6.80
N ASP C 70 20.58 -10.47 -7.15
CA ASP C 70 19.58 -10.09 -6.13
C ASP C 70 19.52 -11.13 -5.03
N ALA C 71 19.46 -12.41 -5.39
CA ALA C 71 19.28 -13.46 -4.40
C ALA C 71 20.45 -13.50 -3.42
N ALA C 72 21.68 -13.32 -3.92
CA ALA C 72 22.85 -13.29 -3.05
C ALA C 72 22.86 -12.05 -2.17
N ASN C 73 22.43 -10.90 -2.72
CA ASN C 73 22.41 -9.65 -1.96
C ASN C 73 21.39 -9.75 -0.81
N LEU C 74 20.24 -10.31 -1.11
CA LEU C 74 19.20 -10.49 -0.09
C LEU C 74 19.67 -11.46 0.98
N ARG C 75 20.37 -12.56 0.58
CA ARG C 75 20.78 -13.52 1.59
C ARG C 75 21.77 -12.87 2.57
N GLU C 76 22.70 -12.07 2.05
CA GLU C 76 23.63 -11.38 2.93
C GLU C 76 22.94 -10.32 3.78
N THR C 77 21.99 -9.60 3.16
CA THR C 77 21.33 -8.52 3.91
C THR C 77 20.52 -9.06 5.07
N PHE C 78 19.74 -10.11 4.81
CA PHE C 78 18.95 -10.70 5.86
C PHE C 78 19.77 -11.50 6.87
N ARG C 79 20.90 -12.08 6.45
CA ARG C 79 21.80 -12.69 7.44
C ARG C 79 22.27 -11.65 8.47
N ASN C 80 22.65 -10.45 7.99
CA ASN C 80 23.11 -9.38 8.89
C ASN C 80 22.01 -8.88 9.83
N LEU C 81 20.73 -9.03 9.46
CA LEU C 81 19.58 -8.75 10.32
C LEU C 81 19.22 -9.92 11.22
N LYS C 82 19.95 -11.03 11.14
CA LYS C 82 19.76 -12.19 12.02
C LYS C 82 18.53 -13.01 11.67
N TYR C 83 18.14 -13.03 10.37
CA TYR C 83 17.12 -13.96 9.89
C TYR C 83 17.76 -15.27 9.45
N GLU C 84 17.00 -16.33 9.63
CA GLU C 84 17.32 -17.67 9.15
C GLU C 84 16.91 -17.71 7.68
N VAL C 85 17.87 -17.50 6.78
CA VAL C 85 17.61 -17.42 5.35
C VAL C 85 17.56 -18.79 4.68
N ARG C 86 16.53 -19.04 3.87
CA ARG C 86 16.43 -20.23 3.03
C ARG C 86 16.23 -19.78 1.59
N ASN C 87 17.19 -20.07 0.72
CA ASN C 87 17.08 -19.72 -0.69
C ASN C 87 16.60 -20.94 -1.48
N LYS C 88 15.63 -20.76 -2.35
CA LYS C 88 15.12 -21.80 -3.23
C LYS C 88 15.19 -21.26 -4.65
N ASN C 89 15.63 -22.07 -5.62
CA ASN C 89 15.78 -21.61 -7.00
C ASN C 89 14.87 -22.39 -7.94
N ASP C 90 14.25 -21.68 -8.91
CA ASP C 90 13.53 -22.28 -10.05
C ASP C 90 12.45 -23.27 -9.62
N LEU C 91 11.47 -22.75 -8.89
CA LEU C 91 10.36 -23.54 -8.38
C LEU C 91 9.19 -23.44 -9.32
N THR C 92 8.55 -24.58 -9.55
CA THR C 92 7.31 -24.58 -10.28
C THR C 92 6.21 -23.92 -9.43
N ARG C 93 5.07 -23.65 -10.04
CA ARG C 93 4.01 -23.05 -9.26
C ARG C 93 3.51 -24.00 -8.17
N GLU C 94 3.53 -25.31 -8.44
CA GLU C 94 3.13 -26.28 -7.44
C GLU C 94 4.14 -26.33 -6.29
N GLU C 95 5.44 -26.22 -6.60
CA GLU C 95 6.45 -26.22 -5.56
C GLU C 95 6.35 -24.95 -4.72
N ILE C 96 5.97 -23.83 -5.34
CA ILE C 96 5.87 -22.59 -4.55
C ILE C 96 4.77 -22.74 -3.52
N VAL C 97 3.61 -23.22 -3.94
CA VAL C 97 2.49 -23.39 -3.03
C VAL C 97 2.83 -24.41 -1.96
N GLU C 98 3.46 -25.54 -2.35
CA GLU C 98 3.81 -26.53 -1.34
C GLU C 98 4.83 -25.99 -0.34
N LEU C 99 5.81 -25.20 -0.81
CA LEU C 99 6.80 -24.66 0.11
C LEU C 99 6.14 -23.72 1.12
N MET C 100 5.27 -22.84 0.63
CA MET C 100 4.60 -21.91 1.52
C MET C 100 3.65 -22.61 2.50
N ARG C 101 2.90 -23.62 2.03
CA ARG C 101 2.10 -24.40 2.96
C ARG C 101 2.97 -24.98 4.07
N ASP C 102 4.05 -25.67 3.69
CA ASP C 102 4.94 -26.29 4.67
C ASP C 102 5.48 -25.27 5.67
N VAL C 103 5.95 -24.11 5.17
CA VAL C 103 6.52 -23.10 6.08
C VAL C 103 5.45 -22.61 7.03
N SER C 104 4.23 -22.44 6.52
CA SER C 104 3.15 -21.93 7.39
C SER C 104 2.77 -22.94 8.45
N LYS C 105 3.14 -24.21 8.27
CA LYS C 105 2.83 -25.22 9.28
C LYS C 105 3.94 -25.42 10.30
N GLU C 106 5.07 -24.75 10.14
CA GLU C 106 6.12 -24.78 11.15
C GLU C 106 5.65 -24.06 12.39
N ASP C 107 6.28 -24.40 13.51
CA ASP C 107 6.03 -23.67 14.76
C ASP C 107 6.88 -22.42 14.78
N HIS C 108 6.26 -21.24 14.60
CA HIS C 108 6.99 -19.98 14.66
C HIS C 108 6.92 -19.32 16.02
N SER C 109 6.57 -20.08 17.08
CA SER C 109 6.30 -19.43 18.36
CA SER C 109 6.31 -19.45 18.36
C SER C 109 7.53 -18.69 18.89
N LYS C 110 8.76 -19.18 18.61
CA LYS C 110 9.93 -18.48 19.10
C LYS C 110 10.52 -17.49 18.11
N ARG C 111 9.76 -17.12 17.08
CA ARG C 111 10.25 -16.21 16.06
C ARG C 111 9.46 -14.90 16.12
N SER C 112 10.19 -13.79 15.90
CA SER C 112 9.55 -12.45 15.96
C SER C 112 8.71 -12.11 14.74
N SER C 113 9.04 -12.68 13.58
CA SER C 113 8.47 -12.15 12.32
C SER C 113 8.67 -13.20 11.25
N PHE C 114 8.20 -12.91 10.05
CA PHE C 114 8.35 -13.82 8.92
C PHE C 114 8.59 -12.94 7.69
N VAL C 115 9.55 -13.32 6.85
CA VAL C 115 9.87 -12.59 5.61
C VAL C 115 9.86 -13.59 4.45
N CYS C 116 9.19 -13.22 3.38
CA CYS C 116 9.22 -13.96 2.13
C CYS C 116 9.55 -13.02 0.99
N VAL C 117 10.55 -13.37 0.16
CA VAL C 117 10.96 -12.57 -0.97
C VAL C 117 10.69 -13.38 -2.20
N LEU C 118 9.97 -12.81 -3.16
CA LEU C 118 9.63 -13.48 -4.40
C LEU C 118 10.29 -12.74 -5.53
N LEU C 119 11.17 -13.44 -6.28
CA LEU C 119 11.87 -12.86 -7.42
C LEU C 119 11.42 -13.63 -8.64
N SER C 120 10.60 -13.04 -9.47
CA SER C 120 10.10 -13.78 -10.62
C SER C 120 9.47 -12.84 -11.63
N HIS C 121 8.90 -13.44 -12.67
CA HIS C 121 7.96 -12.69 -13.48
C HIS C 121 6.61 -12.61 -12.80
N GLY C 122 5.84 -11.65 -13.25
CA GLY C 122 4.50 -11.46 -12.69
C GLY C 122 3.60 -10.66 -13.60
N GLU C 123 2.33 -10.62 -13.20
CA GLU C 123 1.37 -9.64 -13.69
C GLU C 123 0.56 -9.16 -12.48
N GLU C 124 -0.42 -8.30 -12.67
CA GLU C 124 -1.15 -7.80 -11.49
C GLU C 124 -1.75 -8.96 -10.68
N GLY C 125 -1.37 -9.03 -9.41
CA GLY C 125 -1.88 -10.07 -8.52
C GLY C 125 -1.26 -11.45 -8.69
N ILE C 126 -0.26 -11.60 -9.54
CA ILE C 126 0.21 -12.91 -9.96
C ILE C 126 1.74 -12.94 -9.90
N ILE C 127 2.30 -14.08 -9.48
CA ILE C 127 3.71 -14.37 -9.59
C ILE C 127 3.87 -15.65 -10.40
N PHE C 128 4.96 -15.75 -11.18
CA PHE C 128 5.18 -16.98 -11.96
C PHE C 128 6.03 -18.01 -11.25
N GLY C 129 5.52 -19.25 -11.18
CA GLY C 129 6.41 -20.38 -11.13
C GLY C 129 7.09 -20.58 -12.47
N THR C 130 8.05 -21.50 -12.50
CA THR C 130 8.76 -21.70 -13.75
C THR C 130 7.84 -22.20 -14.85
N ASN C 131 6.69 -22.75 -14.49
CA ASN C 131 5.75 -23.37 -15.43
C ASN C 131 4.41 -22.67 -15.51
N GLY C 132 4.25 -21.49 -14.92
CA GLY C 132 3.01 -20.79 -15.05
C GLY C 132 2.68 -19.97 -13.83
N PRO C 133 1.58 -19.23 -13.91
CA PRO C 133 1.22 -18.22 -12.91
C PRO C 133 0.54 -18.83 -11.69
N VAL C 134 0.71 -18.16 -10.56
CA VAL C 134 -0.11 -18.46 -9.39
C VAL C 134 -0.51 -17.15 -8.72
N ASP C 135 -1.74 -17.11 -8.20
CA ASP C 135 -2.22 -15.93 -7.48
C ASP C 135 -1.38 -15.65 -6.25
N LEU C 136 -0.93 -14.39 -6.09
CA LEU C 136 -0.24 -14.04 -4.86
C LEU C 136 -1.09 -14.31 -3.62
N LYS C 137 -2.40 -14.09 -3.73
CA LYS C 137 -3.30 -14.32 -2.59
C LYS C 137 -3.27 -15.77 -2.11
N LYS C 138 -3.12 -16.70 -3.02
CA LYS C 138 -2.93 -18.12 -2.62
C LYS C 138 -1.73 -18.30 -1.71
N ILE C 139 -0.61 -17.62 -1.99
CA ILE C 139 0.60 -17.72 -1.17
C ILE C 139 0.38 -17.05 0.18
N THR C 140 -0.12 -15.80 0.16
CA THR C 140 -0.16 -15.05 1.41
C THR C 140 -1.24 -15.59 2.35
N ASN C 141 -2.29 -16.23 1.80
CA ASN C 141 -3.40 -16.74 2.63
C ASN C 141 -2.91 -17.78 3.63
N PHE C 142 -1.86 -18.54 3.31
CA PHE C 142 -1.36 -19.52 4.28
C PHE C 142 -0.94 -18.86 5.58
N PHE C 143 -0.64 -17.56 5.58
CA PHE C 143 -0.12 -16.89 6.74
C PHE C 143 -1.15 -15.99 7.45
N ARG C 144 -2.40 -15.97 7.00
CA ARG C 144 -3.46 -15.23 7.68
C ARG C 144 -3.48 -15.53 9.17
N GLY C 145 -3.99 -14.60 9.98
CA GLY C 145 -3.91 -14.74 11.42
C GLY C 145 -4.68 -15.93 11.95
N ASP C 146 -5.70 -16.38 11.22
CA ASP C 146 -6.44 -17.58 11.62
C ASP C 146 -5.83 -18.88 11.11
N ARG C 147 -4.88 -18.83 10.17
CA ARG C 147 -4.34 -20.03 9.55
C ARG C 147 -2.92 -20.34 9.97
N CYS C 148 -2.15 -19.38 10.45
CA CYS C 148 -0.79 -19.61 10.94
C CYS C 148 -0.77 -18.99 12.32
N ARG C 149 -1.24 -19.76 13.32
CA ARG C 149 -1.46 -19.17 14.63
C ARG C 149 -0.19 -18.75 15.32
N SER C 150 0.94 -19.39 15.04
CA SER C 150 2.14 -18.99 15.72
C SER C 150 2.76 -17.72 15.11
N LEU C 151 2.16 -17.17 14.06
CA LEU C 151 2.54 -15.84 13.59
C LEU C 151 1.44 -14.81 13.83
N THR C 152 0.34 -15.18 14.48
CA THR C 152 -0.70 -14.18 14.78
C THR C 152 -0.08 -13.07 15.62
N GLY C 153 -0.36 -11.81 15.23
CA GLY C 153 0.17 -10.69 15.93
C GLY C 153 1.58 -10.29 15.57
N LYS C 154 2.22 -11.03 14.65
CA LYS C 154 3.61 -10.77 14.32
C LYS C 154 3.68 -10.30 12.89
N PRO C 155 4.65 -9.48 12.55
CA PRO C 155 4.70 -8.93 11.19
C PRO C 155 5.09 -9.97 10.17
N LYS C 156 4.36 -9.99 9.07
CA LYS C 156 4.57 -10.90 7.95
C LYS C 156 4.88 -10.06 6.74
N LEU C 157 6.13 -10.11 6.26
CA LEU C 157 6.61 -9.19 5.23
C LEU C 157 6.79 -9.95 3.94
N PHE C 158 6.18 -9.50 2.87
CA PHE C 158 6.33 -10.09 1.56
C PHE C 158 6.96 -9.06 0.64
N ILE C 159 8.10 -9.38 0.10
CA ILE C 159 8.86 -8.46 -0.77
C ILE C 159 8.79 -9.02 -2.15
N ILE C 160 8.29 -8.24 -3.10
CA ILE C 160 7.87 -8.81 -4.39
C ILE C 160 8.57 -8.07 -5.53
N GLN C 161 9.55 -8.75 -6.16
CA GLN C 161 10.20 -8.23 -7.35
C GLN C 161 9.61 -9.01 -8.52
N ALA C 162 8.70 -8.38 -9.23
CA ALA C 162 7.95 -9.00 -10.31
C ALA C 162 7.16 -7.90 -10.99
N CYS C 163 6.89 -8.07 -12.27
CA CYS C 163 6.04 -7.09 -12.93
C CYS C 163 4.61 -7.21 -12.44
N ARG C 164 3.87 -6.12 -12.60
CA ARG C 164 2.47 -6.05 -12.21
C ARG C 164 1.59 -5.66 -13.39
N GLY C 165 2.08 -5.96 -14.59
CA GLY C 165 1.45 -5.48 -15.79
C GLY C 165 2.53 -5.07 -16.75
N THR C 166 2.08 -4.38 -17.81
CA THR C 166 2.99 -4.06 -18.90
C THR C 166 3.01 -2.57 -19.23
N GLU C 167 2.56 -1.72 -18.30
CA GLU C 167 2.68 -0.26 -18.52
C GLU C 167 4.10 0.21 -18.22
N LEU C 168 4.53 1.23 -18.95
CA LEU C 168 5.81 1.90 -18.76
C LEU C 168 5.58 3.29 -18.22
N ASP C 169 6.44 3.72 -17.31
CA ASP C 169 6.36 5.05 -16.73
C ASP C 169 7.38 5.91 -17.46
N CYS C 170 6.89 6.87 -18.24
CA CYS C 170 7.83 7.72 -18.97
CA CYS C 170 7.73 7.79 -19.00
C CYS C 170 8.46 8.80 -18.13
N GLY C 171 7.99 9.03 -16.91
CA GLY C 171 8.58 10.07 -16.10
C GLY C 171 8.24 11.48 -16.53
N ILE C 172 8.60 12.41 -15.67
CA ILE C 172 8.45 13.84 -15.93
C ILE C 172 9.70 14.53 -15.45
N GLU C 173 10.18 15.49 -16.26
CA GLU C 173 11.43 16.19 -15.91
C GLU C 173 11.22 17.08 -14.69
N THR C 174 12.22 17.13 -13.81
CA THR C 174 12.07 17.93 -12.60
C THR C 174 12.81 19.26 -12.69
N HIS D 10 -10.70 -8.16 21.59
CA HIS D 10 -10.42 -9.56 21.79
C HIS D 10 -10.21 -10.35 20.50
N LYS D 11 -10.43 -9.73 19.34
CA LYS D 11 -10.01 -10.32 18.08
C LYS D 11 -9.20 -9.30 17.32
N ILE D 12 -8.41 -9.81 16.39
CA ILE D 12 -7.78 -8.96 15.37
C ILE D 12 -8.22 -9.47 14.01
N PRO D 13 -8.15 -8.62 12.97
CA PRO D 13 -8.49 -9.08 11.63
C PRO D 13 -7.47 -10.13 11.13
N VAL D 14 -7.96 -11.10 10.36
CA VAL D 14 -7.05 -12.11 9.83
C VAL D 14 -6.09 -11.53 8.80
N GLU D 15 -6.42 -10.37 8.22
CA GLU D 15 -5.52 -9.75 7.25
C GLU D 15 -4.56 -8.74 7.88
N ALA D 16 -4.62 -8.49 9.19
CA ALA D 16 -3.75 -7.54 9.86
C ALA D 16 -2.34 -8.11 9.96
N ASP D 17 -1.37 -7.19 10.06
CA ASP D 17 0.04 -7.45 10.33
C ASP D 17 0.78 -7.99 9.12
N PHE D 18 0.29 -7.74 7.93
CA PHE D 18 1.00 -7.98 6.68
C PHE D 18 1.56 -6.69 6.11
N LEU D 19 2.72 -6.79 5.47
CA LEU D 19 3.28 -5.68 4.69
C LEU D 19 3.70 -6.28 3.35
N TYR D 20 3.29 -5.67 2.24
CA TYR D 20 3.68 -6.11 0.91
C TYR D 20 4.52 -5.00 0.33
N ALA D 21 5.82 -5.25 0.16
CA ALA D 21 6.72 -4.26 -0.42
C ALA D 21 6.88 -4.63 -1.89
N TYR D 22 6.07 -4.03 -2.73
CA TYR D 22 6.14 -4.31 -4.17
C TYR D 22 7.18 -3.45 -4.84
N SER D 23 7.88 -4.04 -5.82
CA SER D 23 8.88 -3.29 -6.55
C SER D 23 8.35 -2.19 -7.46
N THR D 24 7.06 -2.21 -7.81
CA THR D 24 6.54 -1.29 -8.81
C THR D 24 5.06 -1.04 -8.50
N ALA D 25 4.55 0.02 -9.11
CA ALA D 25 3.14 0.40 -8.96
C ALA D 25 2.21 -0.58 -9.67
N PRO D 26 0.95 -0.68 -9.24
CA PRO D 26 0.00 -1.59 -9.89
C PRO D 26 -0.09 -1.29 -11.39
N GLY D 27 -0.03 -2.35 -12.21
CA GLY D 27 -0.19 -2.23 -13.64
C GLY D 27 1.10 -2.06 -14.40
N TYR D 28 2.25 -1.88 -13.71
CA TYR D 28 3.48 -1.48 -14.38
C TYR D 28 4.47 -2.64 -14.48
N TYR D 29 5.34 -2.57 -15.49
CA TYR D 29 6.54 -3.37 -15.48
C TYR D 29 7.43 -3.00 -14.29
N SER D 30 8.31 -3.94 -13.94
CA SER D 30 9.38 -3.71 -12.98
C SER D 30 10.69 -3.99 -13.69
N TRP D 31 11.72 -3.20 -13.38
CA TRP D 31 12.99 -3.25 -14.12
C TRP D 31 14.08 -4.03 -13.39
N ARG D 32 14.87 -4.76 -14.19
CA ARG D 32 15.95 -5.56 -13.63
C ARG D 32 17.15 -5.37 -14.54
N ASN D 33 18.31 -5.16 -13.93
CA ASN D 33 19.55 -5.03 -14.71
C ASN D 33 20.31 -6.35 -14.70
N SER D 34 20.76 -6.76 -15.89
CA SER D 34 21.37 -8.10 -16.00
C SER D 34 22.70 -8.20 -15.28
N LYS D 35 23.36 -7.10 -15.03
CA LYS D 35 24.63 -7.11 -14.31
C LYS D 35 24.47 -6.79 -12.83
N ASP D 36 23.58 -5.85 -12.48
CA ASP D 36 23.52 -5.27 -11.15
C ASP D 36 22.36 -5.83 -10.32
N GLY D 37 21.44 -6.56 -10.95
CA GLY D 37 20.22 -6.99 -10.27
C GLY D 37 19.09 -6.00 -10.48
N SER D 38 17.97 -6.32 -9.84
CA SER D 38 16.82 -5.45 -10.04
C SER D 38 16.99 -4.13 -9.32
N TRP D 39 16.39 -3.10 -9.89
CA TRP D 39 16.56 -1.77 -9.30
C TRP D 39 16.00 -1.74 -7.86
N PHE D 40 14.85 -2.38 -7.65
CA PHE D 40 14.26 -2.38 -6.32
C PHE D 40 15.08 -3.16 -5.32
N ILE D 41 15.52 -4.38 -5.66
CA ILE D 41 16.23 -5.15 -4.65
C ILE D 41 17.60 -4.52 -4.39
N GLN D 42 18.25 -3.99 -5.42
CA GLN D 42 19.53 -3.28 -5.19
C GLN D 42 19.31 -2.17 -4.17
N SER D 43 18.23 -1.42 -4.35
CA SER D 43 17.96 -0.27 -3.48
C SER D 43 17.52 -0.71 -2.09
N LEU D 44 16.67 -1.74 -2.01
CA LEU D 44 16.22 -2.24 -0.71
C LEU D 44 17.39 -2.76 0.11
N CYS D 45 18.31 -3.53 -0.51
CA CYS D 45 19.41 -4.04 0.28
C CYS D 45 20.33 -2.92 0.73
N ALA D 46 20.55 -1.92 -0.11
CA ALA D 46 21.41 -0.80 0.28
C ALA D 46 20.82 -0.03 1.44
N MET D 47 19.51 0.20 1.40
CA MET D 47 18.88 0.97 2.46
C MET D 47 18.79 0.19 3.75
N LEU D 48 18.51 -1.13 3.71
CA LEU D 48 18.56 -1.94 4.92
C LEU D 48 19.98 -1.93 5.51
N LYS D 49 20.99 -2.12 4.66
CA LYS D 49 22.38 -2.09 5.17
C LYS D 49 22.71 -0.76 5.85
N GLN D 50 22.27 0.37 5.28
CA GLN D 50 22.56 1.69 5.83
C GLN D 50 21.73 2.03 7.05
N TYR D 51 20.46 1.64 7.09
CA TYR D 51 19.52 2.24 8.04
C TYR D 51 18.80 1.28 8.96
N ALA D 52 18.98 -0.04 8.82
CA ALA D 52 18.20 -0.97 9.62
C ALA D 52 18.50 -0.85 11.12
N ASP D 53 19.64 -0.31 11.51
CA ASP D 53 19.87 -0.14 12.94
C ASP D 53 19.36 1.19 13.50
N LYS D 54 18.68 2.00 12.70
CA LYS D 54 18.32 3.36 13.09
C LYS D 54 16.87 3.68 12.76
N LEU D 55 16.39 3.31 11.58
CA LEU D 55 15.08 3.80 11.12
C LEU D 55 14.00 2.75 11.18
N GLU D 56 12.76 3.20 11.34
CA GLU D 56 11.62 2.32 11.30
C GLU D 56 11.43 1.84 9.87
N PHE D 57 10.86 0.65 9.71
CA PHE D 57 10.83 0.01 8.39
C PHE D 57 10.10 0.83 7.33
N MET D 58 8.93 1.42 7.66
CA MET D 58 8.26 2.25 6.62
C MET D 58 9.14 3.37 6.16
N HIS D 59 9.93 3.96 7.06
CA HIS D 59 10.83 5.03 6.65
C HIS D 59 11.98 4.51 5.78
N ILE D 60 12.48 3.30 6.07
CA ILE D 60 13.46 2.70 5.18
C ILE D 60 12.85 2.49 3.81
N LEU D 61 11.59 1.98 3.76
CA LEU D 61 10.98 1.72 2.45
C LEU D 61 10.70 3.02 1.70
N THR D 62 10.44 4.11 2.42
CA THR D 62 10.25 5.40 1.75
C THR D 62 11.56 5.86 1.10
N ARG D 63 12.68 5.62 1.79
CA ARG D 63 13.99 5.91 1.18
C ARG D 63 14.27 5.03 -0.03
N VAL D 64 13.82 3.76 0.02
CA VAL D 64 13.91 2.90 -1.16
C VAL D 64 13.10 3.48 -2.30
N ASN D 65 11.87 3.95 -2.01
CA ASN D 65 11.06 4.59 -3.05
C ASN D 65 11.82 5.75 -3.68
N ARG D 66 12.43 6.61 -2.83
CA ARG D 66 13.16 7.75 -3.38
C ARG D 66 14.35 7.31 -4.23
N LYS D 67 15.11 6.31 -3.76
CA LYS D 67 16.29 5.85 -4.49
C LYS D 67 15.91 5.28 -5.85
N VAL D 68 14.89 4.43 -5.89
CA VAL D 68 14.47 3.88 -7.19
C VAL D 68 13.95 4.98 -8.11
N ALA D 69 13.13 5.90 -7.57
CA ALA D 69 12.54 6.94 -8.41
C ALA D 69 13.56 7.92 -8.94
N THR D 70 14.63 8.17 -8.19
CA THR D 70 15.53 9.27 -8.57
C THR D 70 16.81 8.80 -9.22
N GLU D 71 17.34 7.65 -8.84
CA GLU D 71 18.66 7.26 -9.30
C GLU D 71 18.65 6.33 -10.49
N PHE D 72 17.48 5.80 -10.91
CA PHE D 72 17.43 4.83 -12.00
C PHE D 72 16.63 5.38 -13.16
N GLU D 73 17.10 5.07 -14.39
CA GLU D 73 16.35 5.35 -15.59
C GLU D 73 16.80 4.32 -16.60
N SER D 74 15.87 3.74 -17.34
CA SER D 74 16.29 2.66 -18.24
C SER D 74 17.10 3.18 -19.43
N PHE D 75 18.00 2.31 -19.85
CA PHE D 75 18.76 2.53 -21.09
C PHE D 75 18.45 1.35 -22.01
N SER D 76 17.92 1.66 -23.21
CA SER D 76 17.59 0.59 -24.15
C SER D 76 17.87 1.02 -25.58
N PHE D 77 18.35 0.05 -26.37
CA PHE D 77 18.48 0.34 -27.79
C PHE D 77 17.12 0.40 -28.49
N ASP D 78 16.06 -0.14 -27.86
CA ASP D 78 14.69 -0.01 -28.35
C ASP D 78 14.07 1.23 -27.73
N ALA D 79 13.71 2.19 -28.56
CA ALA D 79 13.23 3.46 -28.05
C ALA D 79 12.01 3.27 -27.18
N THR D 80 11.18 2.28 -27.52
CA THR D 80 9.96 2.01 -26.75
C THR D 80 10.26 1.76 -25.29
N PHE D 81 11.43 1.19 -24.99
CA PHE D 81 11.79 0.83 -23.61
C PHE D 81 12.84 1.75 -23.03
N HIS D 82 13.18 2.82 -23.70
CA HIS D 82 14.27 3.68 -23.29
C HIS D 82 13.78 4.85 -22.44
N ALA D 83 14.64 5.23 -21.46
CA ALA D 83 14.41 6.41 -20.63
C ALA D 83 13.16 6.28 -19.73
N LYS D 84 12.91 5.07 -19.27
CA LYS D 84 11.73 4.82 -18.43
C LYS D 84 12.11 4.78 -16.95
N LYS D 85 11.06 4.95 -16.12
CA LYS D 85 11.21 5.23 -14.70
C LYS D 85 10.38 4.22 -13.91
N GLN D 86 10.63 4.14 -12.61
CA GLN D 86 9.87 3.20 -11.77
C GLN D 86 9.68 3.81 -10.37
N ILE D 87 8.51 3.58 -9.79
CA ILE D 87 8.26 3.85 -8.37
C ILE D 87 7.76 2.57 -7.71
N PRO D 88 8.35 2.15 -6.60
CA PRO D 88 7.84 1.00 -5.86
C PRO D 88 6.55 1.38 -5.13
N CYS D 89 5.93 0.39 -4.52
CA CYS D 89 4.59 0.57 -3.92
C CYS D 89 4.57 -0.20 -2.60
N ILE D 90 4.50 0.53 -1.51
CA ILE D 90 4.49 -0.05 -0.16
C ILE D 90 3.04 -0.26 0.22
N VAL D 91 2.63 -1.47 0.56
CA VAL D 91 1.24 -1.75 0.95
C VAL D 91 1.27 -2.26 2.39
N SER D 92 0.86 -1.44 3.35
CA SER D 92 0.97 -1.84 4.75
C SER D 92 -0.41 -2.06 5.39
N MET D 93 -0.60 -3.26 5.94
CA MET D 93 -1.64 -3.59 6.89
C MET D 93 -1.01 -3.85 8.26
N LEU D 94 0.14 -3.26 8.51
CA LEU D 94 0.79 -3.41 9.82
C LEU D 94 0.03 -2.58 10.85
N THR D 95 0.10 -3.03 12.12
CA THR D 95 -0.58 -2.31 13.18
C THR D 95 0.39 -1.66 14.15
N LYS D 96 1.70 -1.85 13.98
CA LYS D 96 2.69 -1.29 14.87
C LYS D 96 3.90 -0.88 14.01
N GLU D 97 4.77 -0.09 14.62
CA GLU D 97 6.05 0.25 14.01
C GLU D 97 7.00 -0.95 14.08
N LEU D 98 7.87 -1.09 13.08
CA LEU D 98 8.76 -2.24 12.98
CA LEU D 98 8.76 -2.24 12.98
C LEU D 98 10.19 -1.74 12.98
N TYR D 99 10.95 -2.09 14.01
CA TYR D 99 12.37 -1.82 14.04
C TYR D 99 13.11 -3.15 14.07
N PHE D 100 14.15 -3.27 13.25
CA PHE D 100 14.84 -4.57 13.16
C PHE D 100 15.87 -4.80 14.26
N TYR D 101 16.04 -3.87 15.17
CA TYR D 101 16.86 -4.15 16.33
C TYR D 101 15.96 -4.22 17.58
N ASP E 2 -24.12 -0.60 12.78
CA ASP E 2 -23.04 -0.96 11.85
C ASP E 2 -23.60 -1.43 10.51
N GLU E 3 -23.06 -0.84 9.43
CA GLU E 3 -23.49 -1.11 8.05
C GLU E 3 -22.24 -1.22 7.19
N VAL E 4 -22.38 -1.86 6.07
CA VAL E 4 -21.25 -1.94 5.10
C VAL E 4 -21.39 -0.98 3.97
N ASP F 2 19.50 -3.30 -18.93
CA ASP F 2 18.13 -3.15 -18.37
C ASP F 2 17.12 -3.98 -19.12
N GLU F 3 16.33 -4.72 -18.35
CA GLU F 3 15.34 -5.69 -18.85
C GLU F 3 14.08 -5.56 -17.99
N VAL F 4 12.92 -5.99 -18.53
CA VAL F 4 11.65 -5.97 -17.74
C VAL F 4 11.25 -7.33 -17.24
#